data_9VKF
#
_entry.id   9VKF
#
_cell.length_a   84.670
_cell.length_b   84.670
_cell.length_c   97.720
_cell.angle_alpha   90.00
_cell.angle_beta   90.00
_cell.angle_gamma   120.00
#
_symmetry.space_group_name_H-M   'P 31'
#
_entity_poly.entity_id   1
_entity_poly.type   'polypeptide(L)'
_entity_poly.pdbx_seq_one_letter_code
;QHYFNSYDHYGIHEEMLQDTVRTLSYRNAIIQNKDLFKDKIVLDVGCGTGILSMFAAKHGAKHVIGVDMSSIIEMAKELV
ELNGFSDKITLLRGKLEDVHLPFPKVDIIISEWMGYFLLYESMMDTVLYARDHYLVEGGLIFPDKCSIHLAGLEDSQYKD
EKLNYWQDVYGFDYSPFVPLVLHEPIVDTVERNNVNTTSDKLIEFDLNTVKISDLAFKSNFKLTAKRQDMINGIVTWFDI
VFPAPKGKRPVEFSTGPHAPYTHWKQTIFYFPDDLDAETGDTIEGELVCSPNEKNNRDLNIKISYKFESNGIDGNSRSRK
NEGSYLMH
;
_entity_poly.pdbx_strand_id   A,B
#
# COMPACT_ATOMS: atom_id res chain seq x y z
N TYR A 10 -1.19 -11.89 2.01
CA TYR A 10 -1.99 -12.63 1.03
C TYR A 10 -2.18 -11.81 -0.25
N GLY A 11 -2.28 -10.49 -0.11
CA GLY A 11 -2.43 -9.66 -1.29
C GLY A 11 -1.32 -9.94 -2.29
N ILE A 12 -0.08 -9.73 -1.88
CA ILE A 12 1.04 -9.90 -2.79
C ILE A 12 1.04 -11.26 -3.46
N HIS A 13 0.87 -12.32 -2.69
CA HIS A 13 0.98 -13.65 -3.29
C HIS A 13 -0.09 -13.88 -4.35
N GLU A 14 -1.31 -13.40 -4.11
CA GLU A 14 -2.34 -13.47 -5.14
C GLU A 14 -1.95 -12.66 -6.36
N GLU A 15 -1.35 -11.49 -6.14
CA GLU A 15 -0.90 -10.65 -7.25
C GLU A 15 0.16 -11.35 -8.09
N MET A 16 1.11 -12.05 -7.42
CA MET A 16 2.12 -12.80 -8.14
C MET A 16 1.49 -13.85 -9.04
N LEU A 17 0.64 -14.71 -8.47
CA LEU A 17 0.10 -15.84 -9.22
C LEU A 17 -0.83 -15.39 -10.34
N GLN A 18 -1.56 -14.29 -10.14
CA GLN A 18 -2.46 -13.79 -11.19
C GLN A 18 -1.71 -13.04 -12.29
N ASP A 19 -0.43 -12.75 -12.10
CA ASP A 19 0.39 -12.22 -13.19
C ASP A 19 0.76 -13.41 -14.08
N THR A 20 -0.09 -13.66 -15.08
CA THR A 20 0.11 -14.84 -15.93
C THR A 20 1.33 -14.69 -16.82
N VAL A 21 1.65 -13.48 -17.25
CA VAL A 21 2.85 -13.25 -18.06
C VAL A 21 4.09 -13.66 -17.28
N ARG A 22 4.25 -13.24 -16.06
CA ARG A 22 5.39 -13.68 -15.31
C ARG A 22 5.37 -15.14 -15.01
N THR A 23 4.31 -15.65 -14.42
CA THR A 23 4.35 -17.03 -13.96
C THR A 23 4.57 -18.00 -15.12
N LEU A 24 3.84 -17.82 -16.23
CA LEU A 24 3.99 -18.72 -17.35
C LEU A 24 5.36 -18.58 -18.01
N SER A 25 5.98 -17.40 -17.89
CA SER A 25 7.35 -17.24 -18.38
C SER A 25 8.31 -18.15 -17.63
N TYR A 26 8.23 -18.14 -16.29
CA TYR A 26 9.05 -19.04 -15.50
C TYR A 26 8.74 -20.50 -15.81
N ARG A 27 7.45 -20.83 -15.97
CA ARG A 27 7.07 -22.20 -16.32
C ARG A 27 7.66 -22.61 -17.65
N ASN A 28 7.39 -21.82 -18.70
CA ASN A 28 7.84 -22.18 -20.04
C ASN A 28 9.37 -22.19 -20.13
N ALA A 29 10.05 -21.39 -19.31
CA ALA A 29 11.51 -21.43 -19.29
C ALA A 29 12.00 -22.74 -18.66
N ILE A 30 11.35 -23.18 -17.58
CA ILE A 30 11.69 -24.47 -16.97
C ILE A 30 11.41 -25.60 -17.97
N ILE A 31 10.29 -25.52 -18.69
CA ILE A 31 9.93 -26.57 -19.63
C ILE A 31 10.90 -26.61 -20.79
N GLN A 32 11.31 -25.44 -21.29
CA GLN A 32 12.26 -25.39 -22.40
C GLN A 32 13.59 -26.06 -22.03
N ASN A 33 14.03 -25.87 -20.79
CA ASN A 33 15.27 -26.46 -20.30
C ASN A 33 15.03 -27.72 -19.48
N LYS A 34 13.95 -28.43 -19.77
CA LYS A 34 13.58 -29.60 -18.98
C LYS A 34 14.63 -30.70 -19.05
N ASP A 35 15.39 -30.76 -20.15
CA ASP A 35 16.49 -31.72 -20.24
C ASP A 35 17.57 -31.43 -19.21
N LEU A 36 17.86 -30.15 -18.97
CA LEU A 36 18.89 -29.77 -18.00
C LEU A 36 18.39 -29.81 -16.56
N PHE A 37 17.07 -29.83 -16.35
CA PHE A 37 16.53 -29.94 -15.01
C PHE A 37 16.52 -31.37 -14.48
N LYS A 38 16.64 -32.36 -15.36
CA LYS A 38 16.45 -33.75 -14.97
C LYS A 38 17.52 -34.21 -13.97
N ASP A 39 17.06 -34.75 -12.84
CA ASP A 39 17.93 -35.37 -11.83
C ASP A 39 18.93 -34.39 -11.24
N LYS A 40 18.54 -33.12 -11.16
CA LYS A 40 19.41 -32.09 -10.62
C LYS A 40 18.82 -31.40 -9.43
N ILE A 41 19.62 -30.56 -8.78
CA ILE A 41 19.20 -29.86 -7.56
C ILE A 41 18.99 -28.39 -7.90
N VAL A 42 17.81 -27.89 -7.56
CA VAL A 42 17.41 -26.52 -7.86
C VAL A 42 17.26 -25.76 -6.55
N LEU A 43 17.72 -24.50 -6.54
CA LEU A 43 17.57 -23.61 -5.40
C LEU A 43 16.61 -22.49 -5.79
N ASP A 44 15.52 -22.37 -5.05
CA ASP A 44 14.49 -21.36 -5.31
C ASP A 44 14.66 -20.22 -4.31
N VAL A 45 15.25 -19.13 -4.76
CA VAL A 45 15.50 -17.96 -3.92
C VAL A 45 14.25 -17.11 -3.90
N GLY A 46 13.64 -16.97 -2.73
CA GLY A 46 12.38 -16.25 -2.61
C GLY A 46 11.23 -17.07 -3.14
N CYS A 47 11.12 -18.31 -2.65
CA CYS A 47 10.16 -19.26 -3.21
C CYS A 47 8.71 -18.86 -2.98
N GLY A 48 8.45 -17.95 -2.05
CA GLY A 48 7.08 -17.53 -1.78
C GLY A 48 6.21 -18.72 -1.41
N THR A 49 5.14 -18.92 -2.19
CA THR A 49 4.27 -20.07 -1.99
C THR A 49 4.89 -21.37 -2.51
N GLY A 50 5.99 -21.29 -3.25
CA GLY A 50 6.66 -22.47 -3.75
C GLY A 50 6.19 -22.97 -5.10
N ILE A 51 5.48 -22.15 -5.86
CA ILE A 51 4.97 -22.60 -7.15
C ILE A 51 6.11 -22.89 -8.12
N LEU A 52 7.16 -22.06 -8.10
CA LEU A 52 8.31 -22.30 -8.95
C LEU A 52 9.05 -23.55 -8.53
N SER A 53 9.11 -23.82 -7.23
CA SER A 53 9.71 -25.06 -6.75
C SER A 53 8.92 -26.26 -7.24
N MET A 54 7.59 -26.20 -7.16
CA MET A 54 6.75 -27.29 -7.66
C MET A 54 6.91 -27.47 -9.16
N PHE A 55 7.09 -26.37 -9.90
CA PHE A 55 7.30 -26.47 -11.34
C PHE A 55 8.58 -27.25 -11.66
N ALA A 56 9.68 -26.91 -11.00
CA ALA A 56 10.93 -27.62 -11.23
C ALA A 56 10.80 -29.10 -10.86
N ALA A 57 10.20 -29.37 -9.69
CA ALA A 57 10.05 -30.76 -9.24
C ALA A 57 9.14 -31.55 -10.17
N LYS A 58 8.06 -30.93 -10.63
CA LYS A 58 7.11 -31.63 -11.50
C LYS A 58 7.73 -31.97 -12.85
N HIS A 59 8.68 -31.16 -13.33
CA HIS A 59 9.29 -31.35 -14.65
C HIS A 59 10.71 -31.91 -14.57
N GLY A 60 10.97 -32.79 -13.59
CA GLY A 60 12.14 -33.64 -13.63
C GLY A 60 13.23 -33.36 -12.62
N ALA A 61 13.12 -32.30 -11.82
CA ALA A 61 14.17 -31.97 -10.87
C ALA A 61 14.28 -33.05 -9.79
N HIS A 63 15.70 -32.54 -6.67
CA HIS A 63 15.33 -31.94 -5.39
C HIS A 63 15.38 -30.42 -5.55
N VAL A 64 14.37 -29.75 -5.01
CA VAL A 64 14.27 -28.30 -5.04
C VAL A 64 14.24 -27.79 -3.61
N ILE A 65 15.06 -26.79 -3.31
CA ILE A 65 15.10 -26.16 -1.99
C ILE A 65 14.59 -24.73 -2.13
N GLY A 66 13.52 -24.42 -1.40
CA GLY A 66 12.96 -23.07 -1.39
C GLY A 66 13.33 -22.35 -0.10
N VAL A 67 13.74 -21.10 -0.25
CA VAL A 67 14.20 -20.29 0.88
C VAL A 67 13.46 -18.96 0.82
N ASP A 68 12.58 -18.73 1.78
CA ASP A 68 11.89 -17.45 1.92
C ASP A 68 11.86 -17.12 3.40
N MET A 69 12.21 -15.89 3.76
CA MET A 69 12.25 -15.48 5.15
C MET A 69 10.88 -15.07 5.69
N SER A 70 9.81 -15.26 4.93
CA SER A 70 8.47 -14.93 5.37
C SER A 70 7.82 -16.14 6.03
N SER A 71 6.75 -15.87 6.79
CA SER A 71 5.99 -16.95 7.41
C SER A 71 5.22 -17.78 6.39
N ILE A 72 5.29 -17.41 5.11
CA ILE A 72 4.64 -18.15 4.03
C ILE A 72 5.19 -19.55 3.83
N ILE A 73 6.44 -19.79 4.23
CA ILE A 73 7.07 -21.08 3.98
C ILE A 73 6.22 -22.17 4.54
N GLU A 74 5.37 -21.80 5.50
CA GLU A 74 4.46 -22.78 6.10
C GLU A 74 3.38 -23.27 5.14
N MET A 75 2.83 -22.38 4.33
CA MET A 75 1.80 -22.77 3.37
C MET A 75 2.48 -23.47 2.23
N ALA A 76 3.64 -23.02 1.84
CA ALA A 76 4.40 -23.65 0.82
C ALA A 76 4.47 -25.10 1.15
N LYS A 77 4.72 -25.38 2.42
CA LYS A 77 4.81 -26.75 2.90
C LYS A 77 3.51 -27.46 2.79
N GLU A 78 2.45 -26.77 3.07
CA GLU A 78 1.15 -27.37 3.06
C GLU A 78 0.73 -27.64 1.65
N LEU A 79 1.08 -26.75 0.75
CA LEU A 79 0.73 -26.91 -0.63
C LEU A 79 1.61 -27.98 -1.23
N VAL A 80 2.91 -27.93 -0.96
CA VAL A 80 3.80 -28.98 -1.44
C VAL A 80 3.38 -30.30 -0.87
N GLU A 81 3.03 -30.33 0.41
CA GLU A 81 2.54 -31.59 0.95
C GLU A 81 1.31 -32.07 0.18
N LEU A 82 0.40 -31.14 -0.15
CA LEU A 82 -0.86 -31.53 -0.79
C LEU A 82 -0.65 -31.95 -2.23
N ASN A 83 0.39 -31.44 -2.89
CA ASN A 83 0.62 -31.70 -4.30
C ASN A 83 1.67 -32.80 -4.53
N GLY A 84 2.02 -33.55 -3.50
CA GLY A 84 2.86 -34.71 -3.68
C GLY A 84 4.32 -34.43 -3.95
N PHE A 85 4.87 -33.34 -3.40
CA PHE A 85 6.25 -32.97 -3.62
C PHE A 85 7.06 -32.95 -2.33
N SER A 86 6.56 -33.58 -1.26
CA SER A 86 7.27 -33.54 0.02
C SER A 86 8.62 -34.26 -0.05
N ASP A 87 8.73 -35.19 -0.98
CA ASP A 87 9.95 -35.97 -1.12
C ASP A 87 10.95 -35.33 -2.03
N LYS A 88 10.55 -34.27 -2.71
CA LYS A 88 11.44 -33.57 -3.62
C LYS A 88 11.68 -32.11 -3.25
N ILE A 89 10.91 -31.53 -2.34
CA ILE A 89 11.03 -30.13 -1.98
C ILE A 89 11.25 -30.02 -0.48
N THR A 90 12.30 -29.30 -0.09
CA THR A 90 12.55 -28.93 1.30
C THR A 90 12.53 -27.41 1.38
N LEU A 91 11.61 -26.88 2.19
CA LEU A 91 11.49 -25.44 2.32
C LEU A 91 12.29 -24.91 3.48
N LEU A 92 12.96 -23.80 3.25
CA LEU A 92 13.83 -23.22 4.25
C LEU A 92 14.64 -24.34 4.85
N ASP A 98 22.22 -17.44 6.28
CA ASP A 98 22.10 -17.92 7.64
C ASP A 98 21.55 -19.34 7.68
N VAL A 99 20.74 -19.68 6.68
CA VAL A 99 20.09 -20.97 6.63
C VAL A 99 21.13 -22.02 6.25
N LEU A 101 21.74 -25.19 3.91
CA LEU A 101 21.25 -25.95 2.77
C LEU A 101 21.49 -27.44 3.01
N PRO A 102 20.52 -28.30 2.68
CA PRO A 102 20.76 -29.74 2.74
C PRO A 102 21.78 -30.23 1.73
N PHE A 103 22.19 -29.39 0.77
CA PHE A 103 23.15 -29.76 -0.25
C PHE A 103 24.27 -28.74 -0.29
N PRO A 104 25.52 -29.18 -0.45
CA PRO A 104 26.64 -28.23 -0.45
C PRO A 104 26.73 -27.39 -1.71
N VAL A 106 24.60 -26.51 -5.73
CA VAL A 106 23.34 -26.60 -6.46
C VAL A 106 23.60 -26.33 -7.94
N ASP A 107 22.79 -26.98 -8.78
CA ASP A 107 22.94 -26.86 -10.23
C ASP A 107 22.18 -25.68 -10.82
N ILE A 108 20.95 -25.43 -10.37
CA ILE A 108 20.08 -24.41 -10.95
C ILE A 108 19.57 -23.49 -9.86
N ILE A 109 19.55 -22.19 -10.14
CA ILE A 109 18.95 -21.19 -9.27
C ILE A 109 17.77 -20.57 -10.02
N ILE A 110 16.54 -20.82 -9.45
CA ILE A 110 15.35 -20.12 -9.91
C ILE A 110 14.98 -19.08 -8.87
N SER A 111 14.66 -17.87 -9.41
CA SER A 111 14.39 -16.80 -8.47
C SER A 111 13.44 -15.78 -9.09
N GLU A 112 12.45 -15.38 -8.31
CA GLU A 112 11.57 -14.27 -8.64
C GLU A 112 12.01 -13.11 -7.75
N TRP A 113 12.83 -12.22 -8.30
CA TRP A 113 13.52 -11.20 -7.53
C TRP A 113 13.29 -9.78 -8.01
N MET A 114 12.63 -9.59 -9.15
CA MET A 114 12.55 -8.26 -9.75
C MET A 114 11.62 -7.36 -8.95
N GLY A 115 11.99 -6.09 -8.84
CA GLY A 115 11.17 -5.10 -8.19
C GLY A 115 10.75 -3.99 -9.13
N TYR A 116 10.13 -2.94 -8.60
CA TYR A 116 9.76 -1.81 -9.41
C TYR A 116 10.98 -1.11 -9.96
N PHE A 117 11.04 -0.80 -11.25
CA PHE A 117 12.24 -0.23 -11.87
C PHE A 117 13.33 -1.25 -11.91
N LEU A 118 12.97 -2.51 -11.76
CA LEU A 118 13.91 -3.63 -11.77
C LEU A 118 14.72 -3.70 -10.53
N LEU A 119 15.21 -2.58 -10.04
CA LEU A 119 16.12 -2.68 -8.91
C LEU A 119 15.52 -2.32 -7.55
N TYR A 120 14.46 -1.52 -7.53
CA TYR A 120 13.91 -1.11 -6.24
C TYR A 120 13.40 -2.28 -5.39
N GLU A 121 14.04 -2.57 -4.24
CA GLU A 121 13.61 -3.64 -3.38
C GLU A 121 13.76 -4.90 -4.15
N SER A 122 14.77 -4.95 -4.99
CA SER A 122 15.01 -6.20 -5.69
C SER A 122 15.75 -7.18 -4.80
N MET A 123 15.61 -8.47 -5.11
CA MET A 123 16.32 -9.52 -4.40
C MET A 123 17.54 -10.02 -5.15
N MET A 124 18.10 -9.19 -6.03
CA MET A 124 19.26 -9.57 -6.83
C MET A 124 20.47 -9.86 -5.96
N THR A 126 20.60 -11.27 -3.22
CA THR A 126 20.51 -12.61 -2.69
C THR A 126 20.84 -13.65 -3.75
N VAL A 127 20.42 -13.36 -4.99
CA VAL A 127 20.69 -14.29 -6.10
C VAL A 127 22.18 -14.36 -6.37
N LEU A 128 22.85 -13.20 -6.41
CA LEU A 128 24.30 -13.18 -6.58
C LEU A 128 25.00 -13.92 -5.44
N TYR A 129 24.47 -13.80 -4.23
CA TYR A 129 25.03 -14.55 -3.10
C TYR A 129 24.88 -16.04 -3.30
N ALA A 130 23.71 -16.48 -3.77
CA ALA A 130 23.51 -17.91 -4.04
C ALA A 130 24.41 -18.38 -5.16
N ARG A 131 24.57 -17.55 -6.20
CA ARG A 131 25.46 -17.90 -7.30
C ARG A 131 26.91 -18.03 -6.84
N ASP A 132 27.37 -17.05 -6.04
CA ASP A 132 28.77 -17.04 -5.64
C ASP A 132 29.08 -18.11 -4.59
N HIS A 133 28.09 -18.49 -3.78
CA HIS A 133 28.34 -19.36 -2.65
C HIS A 133 27.80 -20.78 -2.79
N TYR A 134 26.77 -21.01 -3.61
CA TYR A 134 26.11 -22.30 -3.65
C TYR A 134 26.01 -22.93 -5.03
N LEU A 135 26.24 -22.18 -6.10
CA LEU A 135 25.98 -22.65 -7.46
C LEU A 135 27.17 -23.41 -8.00
N GLU A 137 29.63 -24.64 -10.95
CA GLU A 137 30.15 -23.85 -12.05
C GLU A 137 29.45 -24.22 -13.35
N GLY A 138 29.05 -23.23 -14.12
CA GLY A 138 28.33 -23.51 -15.33
C GLY A 138 26.91 -23.90 -15.00
N GLY A 139 26.40 -23.33 -13.93
CA GLY A 139 25.05 -23.60 -13.55
C GLY A 139 24.15 -22.64 -14.25
N LEU A 140 22.85 -22.86 -14.15
CA LEU A 140 21.91 -22.00 -14.80
C LEU A 140 21.19 -21.12 -13.80
N ILE A 141 20.73 -19.96 -14.26
CA ILE A 141 20.03 -19.02 -13.40
C ILE A 141 18.79 -18.53 -14.14
N PHE A 142 17.62 -18.82 -13.58
CA PHE A 142 16.36 -18.40 -14.21
C PHE A 142 15.78 -17.20 -13.47
N PRO A 143 15.54 -16.09 -14.18
CA PRO A 143 16.24 -15.66 -15.40
C PRO A 143 17.66 -15.13 -15.16
N ASP A 144 18.44 -15.07 -16.24
CA ASP A 144 19.84 -14.67 -16.20
C ASP A 144 20.22 -13.38 -16.94
N LYS A 145 19.23 -12.66 -17.45
CA LYS A 145 19.52 -11.44 -18.15
C LYS A 145 18.44 -10.38 -17.98
N CYS A 146 18.83 -9.13 -17.68
CA CYS A 146 17.90 -8.04 -17.48
C CYS A 146 18.26 -6.81 -18.25
N SER A 147 17.32 -5.91 -18.45
CA SER A 147 17.56 -4.69 -19.16
C SER A 147 16.57 -3.67 -18.71
N ILE A 148 16.99 -2.41 -18.58
CA ILE A 148 16.07 -1.34 -18.24
C ILE A 148 15.91 -0.42 -19.44
N HIS A 149 14.68 -0.10 -19.80
CA HIS A 149 14.37 0.73 -20.96
C HIS A 149 13.53 1.93 -20.54
N LEU A 150 13.40 2.89 -21.45
CA LEU A 150 12.66 4.11 -21.15
C LEU A 150 12.21 4.76 -22.45
N ALA A 151 11.20 5.59 -22.35
CA ALA A 151 10.71 6.33 -23.49
C ALA A 151 9.88 7.45 -22.89
N GLY A 152 9.30 8.30 -23.73
CA GLY A 152 8.54 9.43 -23.24
C GLY A 152 7.07 9.36 -23.44
N LEU A 153 6.33 10.15 -22.57
CA LEU A 153 4.88 10.02 -22.58
C LEU A 153 4.10 11.30 -22.38
N GLU A 154 2.82 11.26 -22.69
CA GLU A 154 1.97 12.40 -22.49
C GLU A 154 0.97 12.11 -21.41
N ASP A 155 1.09 12.78 -20.28
CA ASP A 155 0.11 12.64 -19.23
C ASP A 155 -0.15 14.06 -18.79
N SER A 156 -0.33 14.95 -19.76
CA SER A 156 -0.47 16.36 -19.39
C SER A 156 -1.72 16.59 -18.55
N GLN A 157 -2.82 15.90 -18.86
CA GLN A 157 -4.08 16.17 -18.18
C GLN A 157 -4.05 15.68 -16.73
N TYR A 158 -3.57 14.46 -16.50
CA TYR A 158 -3.53 13.94 -15.14
C TYR A 158 -2.47 14.66 -14.30
N LYS A 159 -1.30 14.91 -14.88
CA LYS A 159 -0.23 15.59 -14.15
C LYS A 159 -0.64 17.00 -13.76
N ASP A 160 -1.31 17.71 -14.66
CA ASP A 160 -1.74 19.08 -14.37
C ASP A 160 -2.71 19.11 -13.18
N GLU A 161 -3.57 18.08 -13.08
CA GLU A 161 -4.50 18.01 -11.96
C GLU A 161 -3.78 17.91 -10.62
N LYS A 162 -2.83 17.02 -10.51
CA LYS A 162 -2.13 16.82 -9.26
C LYS A 162 -1.40 18.02 -8.78
N LEU A 163 -0.87 18.83 -9.66
CA LEU A 163 -0.05 19.93 -9.24
C LEU A 163 -0.83 21.21 -9.02
N ASN A 164 -2.05 21.27 -9.54
CA ASN A 164 -2.87 22.42 -9.35
C ASN A 164 -3.58 22.37 -8.02
N TYR A 165 -3.76 21.18 -7.49
CA TYR A 165 -4.43 21.04 -6.24
C TYR A 165 -3.77 21.81 -5.17
N TRP A 166 -2.47 21.99 -5.29
CA TRP A 166 -1.73 22.59 -4.19
C TRP A 166 -1.65 24.10 -4.25
N GLN A 167 -2.20 24.74 -5.28
CA GLN A 167 -2.22 26.19 -5.32
C GLN A 167 -3.12 26.77 -4.25
N ASP A 168 -4.20 26.07 -3.91
CA ASP A 168 -5.18 26.58 -2.95
C ASP A 168 -5.82 25.37 -2.25
N VAL A 169 -5.40 25.12 -1.01
CA VAL A 169 -5.89 24.00 -0.22
C VAL A 169 -6.64 24.58 0.97
N TYR A 170 -7.97 24.65 0.86
CA TYR A 170 -8.83 25.22 1.91
C TYR A 170 -8.43 26.65 2.24
N GLY A 171 -8.02 27.40 1.22
CA GLY A 171 -7.58 28.77 1.37
C GLY A 171 -6.08 28.94 1.50
N PHE A 172 -5.39 27.92 1.99
CA PHE A 172 -3.96 28.04 2.25
C PHE A 172 -3.13 27.77 1.01
N ASP A 173 -2.05 28.53 0.86
CA ASP A 173 -1.09 28.32 -0.22
C ASP A 173 -0.23 27.10 0.11
N TYR A 174 -0.43 26.01 -0.62
CA TYR A 174 0.38 24.80 -0.49
C TYR A 174 1.39 24.67 -1.61
N SER A 175 1.92 25.79 -2.10
CA SER A 175 2.87 25.75 -3.21
C SER A 175 4.12 24.92 -2.95
N PRO A 176 4.72 25.04 -1.79
CA PRO A 176 5.96 24.31 -1.60
C PRO A 176 5.84 22.81 -1.79
N PHE A 177 4.63 22.27 -1.85
CA PHE A 177 4.42 20.84 -1.89
C PHE A 177 4.55 20.26 -3.25
N VAL A 178 4.38 21.07 -4.28
CA VAL A 178 4.41 20.54 -5.63
C VAL A 178 5.69 19.82 -5.97
N PRO A 179 6.85 20.41 -5.65
CA PRO A 179 8.06 19.65 -5.89
C PRO A 179 7.99 18.25 -5.27
N LEU A 180 7.37 18.09 -4.11
CA LEU A 180 7.25 16.74 -3.57
C LEU A 180 6.50 15.83 -4.54
N VAL A 181 5.58 16.36 -5.30
CA VAL A 181 4.77 15.55 -6.19
C VAL A 181 5.48 15.31 -7.51
N LEU A 182 6.30 16.25 -7.94
CA LEU A 182 6.98 16.12 -9.21
C LEU A 182 8.19 15.25 -9.04
N HIS A 183 8.64 15.07 -7.82
CA HIS A 183 9.79 14.20 -7.57
C HIS A 183 9.42 12.75 -7.29
N GLU A 184 8.16 12.47 -6.94
CA GLU A 184 7.80 11.10 -6.57
C GLU A 184 7.56 10.25 -7.81
N PRO A 185 8.22 9.10 -7.93
CA PRO A 185 7.94 8.21 -9.06
C PRO A 185 6.56 7.59 -8.94
N ILE A 186 5.98 7.28 -10.10
CA ILE A 186 4.62 6.77 -10.19
C ILE A 186 4.67 5.38 -10.81
N VAL A 187 4.20 4.38 -10.07
CA VAL A 187 4.08 3.03 -10.57
C VAL A 187 2.66 2.84 -11.07
N ASP A 188 2.49 2.83 -12.40
CA ASP A 188 1.17 2.70 -12.99
C ASP A 188 1.34 2.15 -14.40
N THR A 189 0.23 1.71 -14.98
CA THR A 189 0.24 1.16 -16.32
C THR A 189 -0.08 2.27 -17.33
N VAL A 190 0.87 2.55 -18.21
CA VAL A 190 0.73 3.58 -19.22
C VAL A 190 0.09 2.96 -20.46
N GLU A 191 -0.89 3.65 -21.03
CA GLU A 191 -1.47 3.20 -22.29
C GLU A 191 -0.45 3.31 -23.41
N ARG A 192 -0.52 2.36 -24.35
CA ARG A 192 0.47 2.29 -25.41
C ARG A 192 0.47 3.56 -26.26
N ASN A 193 -0.71 4.14 -26.49
CA ASN A 193 -0.83 5.31 -27.37
C ASN A 193 -0.25 6.58 -26.77
N ASN A 194 0.08 6.59 -25.48
CA ASN A 194 0.64 7.77 -24.85
C ASN A 194 2.16 7.84 -24.95
N VAL A 195 2.82 6.76 -25.34
CA VAL A 195 4.24 6.82 -25.65
C VAL A 195 4.43 7.53 -26.99
N ASN A 196 5.12 8.67 -26.97
CA ASN A 196 5.23 9.52 -28.14
C ASN A 196 6.68 9.73 -28.57
N THR A 197 7.63 9.01 -27.99
CA THR A 197 9.02 9.04 -28.43
C THR A 197 9.50 7.62 -28.67
N THR A 198 10.70 7.50 -29.24
CA THR A 198 11.34 6.20 -29.36
C THR A 198 11.88 5.76 -28.00
N SER A 199 12.13 4.46 -27.89
CA SER A 199 12.65 3.89 -26.66
C SER A 199 14.15 3.68 -26.75
N ASP A 200 14.81 3.77 -25.60
CA ASP A 200 16.25 3.55 -25.52
C ASP A 200 16.56 2.59 -24.37
N LEU A 202 18.71 1.60 -21.18
CA LEU A 202 19.52 2.23 -20.14
C LEU A 202 20.74 1.38 -19.79
N ILE A 203 20.54 0.10 -19.50
CA ILE A 203 21.61 -0.75 -19.00
C ILE A 203 21.21 -2.20 -19.18
N GLU A 204 22.22 -3.08 -19.30
CA GLU A 204 22.04 -4.52 -19.31
C GLU A 204 22.66 -5.12 -18.05
N PHE A 205 22.18 -6.31 -17.71
CA PHE A 205 22.73 -7.01 -16.59
C PHE A 205 22.79 -8.44 -17.06
N ASP A 206 23.86 -9.11 -16.73
CA ASP A 206 24.04 -10.54 -17.00
C ASP A 206 24.22 -11.14 -15.61
N LEU A 207 23.18 -11.85 -15.14
CA LEU A 207 23.21 -12.43 -13.80
C LEU A 207 24.35 -13.41 -13.61
N ASN A 208 24.99 -13.86 -14.69
CA ASN A 208 26.12 -14.78 -14.58
C ASN A 208 27.43 -14.08 -14.26
N THR A 209 27.53 -12.77 -14.53
CA THR A 209 28.78 -12.03 -14.35
C THR A 209 28.65 -10.75 -13.54
N VAL A 210 27.43 -10.33 -13.19
CA VAL A 210 27.26 -9.01 -12.59
C VAL A 210 27.68 -9.04 -11.12
N ILE A 212 27.38 -6.68 -7.22
CA ILE A 212 26.49 -5.77 -6.50
C ILE A 212 26.85 -4.32 -6.81
N SER A 213 28.14 -4.03 -6.95
CA SER A 213 28.59 -2.68 -7.25
C SER A 213 28.12 -2.19 -8.62
N ASP A 214 27.77 -3.10 -9.53
CA ASP A 214 27.27 -2.68 -10.84
C ASP A 214 25.84 -2.14 -10.78
N LEU A 215 25.13 -2.33 -9.68
CA LEU A 215 23.74 -1.86 -9.61
C LEU A 215 23.70 -0.35 -9.48
N ALA A 216 24.61 0.23 -8.71
CA ALA A 216 24.81 1.68 -8.74
C ALA A 216 25.51 2.03 -10.04
N PHE A 217 24.78 2.65 -10.97
CA PHE A 217 25.27 2.82 -12.33
C PHE A 217 24.91 4.20 -12.85
N SER A 219 24.13 6.06 -16.94
CA SER A 219 23.82 5.68 -18.30
C SER A 219 23.32 6.89 -19.08
N ASN A 220 23.68 6.94 -20.37
CA ASN A 220 23.21 7.94 -21.30
C ASN A 220 22.08 7.37 -22.16
N PHE A 221 21.20 8.24 -22.62
CA PHE A 221 20.11 7.81 -23.48
C PHE A 221 19.74 8.93 -24.44
N LYS A 222 19.07 8.55 -25.53
CA LYS A 222 18.63 9.48 -26.56
C LYS A 222 17.26 9.04 -27.05
N LEU A 223 16.32 9.98 -27.09
CA LEU A 223 14.94 9.70 -27.48
C LEU A 223 14.52 10.70 -28.55
N THR A 224 13.77 10.21 -29.54
CA THR A 224 13.28 11.05 -30.64
C THR A 224 11.76 11.02 -30.65
N ALA A 225 11.15 12.20 -30.69
CA ALA A 225 9.70 12.30 -30.71
C ALA A 225 9.14 11.70 -31.99
N LYS A 226 8.20 10.77 -31.84
CA LYS A 226 7.59 10.11 -32.99
C LYS A 226 6.39 10.86 -33.55
N ARG A 227 5.92 11.90 -32.86
CA ARG A 227 4.83 12.73 -33.36
C ARG A 227 4.89 14.07 -32.64
N GLN A 228 3.98 14.97 -33.02
CA GLN A 228 3.82 16.25 -32.33
C GLN A 228 2.86 16.05 -31.17
N ASP A 229 3.33 16.32 -29.96
CA ASP A 229 2.54 16.08 -28.75
C ASP A 229 3.23 16.77 -27.58
N MET A 230 2.59 16.70 -26.42
CA MET A 230 3.18 17.16 -25.17
C MET A 230 3.93 16.00 -24.52
N ILE A 231 5.16 16.26 -24.07
CA ILE A 231 5.96 15.29 -23.35
C ILE A 231 6.09 15.78 -21.91
N ASN A 232 5.52 15.01 -20.97
CA ASN A 232 5.47 15.40 -19.57
C ASN A 232 6.38 14.58 -18.68
N GLY A 233 6.92 13.46 -19.17
CA GLY A 233 7.82 12.66 -18.38
C GLY A 233 8.29 11.46 -19.17
N ILE A 234 9.01 10.57 -18.48
CA ILE A 234 9.50 9.33 -19.07
C ILE A 234 8.81 8.15 -18.40
N VAL A 235 8.41 7.18 -19.23
CA VAL A 235 7.96 5.89 -18.74
C VAL A 235 9.11 4.90 -18.88
N THR A 236 9.37 4.14 -17.83
CA THR A 236 10.47 3.19 -17.81
C THR A 236 9.94 1.80 -17.47
N TRP A 237 10.60 0.79 -18.04
CA TRP A 237 10.23 -0.59 -17.80
C TRP A 237 11.51 -1.43 -17.85
N PHE A 238 11.35 -2.74 -17.69
CA PHE A 238 12.48 -3.65 -17.77
C PHE A 238 12.09 -4.91 -18.52
N ASP A 239 13.05 -5.47 -19.24
CA ASP A 239 12.89 -6.70 -19.99
C ASP A 239 13.62 -7.85 -19.28
N ILE A 240 13.12 -9.06 -19.47
CA ILE A 240 13.63 -10.25 -18.80
C ILE A 240 13.85 -11.33 -19.85
N VAL A 241 15.01 -12.01 -19.77
CA VAL A 241 15.34 -13.12 -20.64
C VAL A 241 15.83 -14.27 -19.79
N PHE A 242 15.41 -15.50 -20.15
CA PHE A 242 15.76 -16.75 -19.47
C PHE A 242 16.81 -17.52 -20.28
N PRO A 243 17.61 -18.35 -19.62
CA PRO A 243 18.59 -19.16 -20.36
C PRO A 243 17.91 -20.25 -21.17
N ALA A 244 18.52 -20.59 -22.30
CA ALA A 244 17.98 -21.59 -23.20
C ALA A 244 19.10 -22.48 -23.71
N PRO A 245 18.81 -23.73 -24.05
CA PRO A 245 19.82 -24.59 -24.68
C PRO A 245 20.27 -24.05 -26.03
N LYS A 246 21.29 -24.71 -26.58
CA LYS A 246 21.90 -24.26 -27.82
C LYS A 246 20.88 -24.23 -28.96
N GLY A 247 20.87 -23.13 -29.71
CA GLY A 247 20.04 -23.00 -30.89
C GLY A 247 18.56 -22.76 -30.65
N PRO A 250 15.26 -18.23 -26.55
CA PRO A 250 15.05 -18.10 -25.11
C PRO A 250 13.68 -17.49 -24.80
N VAL A 251 13.12 -17.92 -23.68
CA VAL A 251 11.86 -17.36 -23.20
C VAL A 251 12.13 -15.98 -22.63
N GLU A 252 11.33 -15.00 -23.04
CA GLU A 252 11.52 -13.63 -22.58
C GLU A 252 10.17 -12.96 -22.43
N PHE A 253 10.14 -11.88 -21.67
CA PHE A 253 8.94 -11.05 -21.58
C PHE A 253 9.33 -9.64 -21.19
N SER A 254 8.47 -8.69 -21.56
CA SER A 254 8.68 -7.28 -21.30
C SER A 254 7.59 -6.76 -20.36
N THR A 255 7.91 -5.69 -19.64
CA THR A 255 6.96 -5.00 -18.79
C THR A 255 6.66 -3.59 -19.30
N GLY A 256 6.82 -3.38 -20.60
CA GLY A 256 6.60 -2.08 -21.20
C GLY A 256 5.16 -1.82 -21.55
N PRO A 257 4.85 -0.55 -21.86
CA PRO A 257 3.47 -0.20 -22.24
C PRO A 257 3.02 -0.83 -23.54
N HIS A 258 3.94 -1.42 -24.32
CA HIS A 258 3.62 -2.10 -25.56
C HIS A 258 3.39 -3.59 -25.39
N ALA A 259 3.62 -4.11 -24.21
CA ALA A 259 3.47 -5.53 -23.89
C ALA A 259 2.23 -5.76 -23.04
N PRO A 260 1.77 -7.01 -22.94
CA PRO A 260 0.62 -7.30 -22.06
C PRO A 260 0.90 -6.90 -20.62
N TYR A 261 -0.19 -6.78 -19.86
CA TYR A 261 -0.12 -6.31 -18.49
C TYR A 261 0.74 -7.23 -17.63
N THR A 262 1.48 -6.63 -16.71
CA THR A 262 2.18 -7.35 -15.64
C THR A 262 1.91 -6.63 -14.32
N HIS A 263 2.10 -7.35 -13.21
CA HIS A 263 1.92 -6.74 -11.90
C HIS A 263 2.98 -5.70 -11.59
N TRP A 264 4.00 -5.56 -12.44
CA TRP A 264 5.00 -4.51 -12.27
C TRP A 264 4.56 -3.19 -12.87
N LYS A 265 3.63 -3.22 -13.84
CA LYS A 265 3.22 -2.02 -14.56
C LYS A 265 4.43 -1.31 -15.14
N GLN A 266 4.45 0.02 -15.06
CA GLN A 266 5.59 0.82 -15.47
C GLN A 266 5.88 1.85 -14.39
N THR A 267 7.02 2.52 -14.53
CA THR A 267 7.45 3.55 -13.58
C THR A 267 7.63 4.86 -14.32
N ILE A 268 6.90 5.89 -13.89
CA ILE A 268 6.88 7.19 -14.55
C ILE A 268 7.69 8.19 -13.73
N PHE A 269 8.55 8.94 -14.39
CA PHE A 269 9.30 10.04 -13.80
C PHE A 269 8.90 11.32 -14.52
N TYR A 270 8.40 12.30 -13.77
CA TYR A 270 7.89 13.52 -14.37
C TYR A 270 9.02 14.50 -14.65
N PHE A 271 8.79 15.37 -15.65
CA PHE A 271 9.68 16.50 -15.89
C PHE A 271 9.18 17.71 -15.10
N PRO A 272 10.06 18.64 -14.72
CA PRO A 272 9.56 19.88 -14.11
C PRO A 272 8.75 20.71 -15.08
N ASP A 273 9.17 20.77 -16.34
CA ASP A 273 8.46 21.49 -17.39
C ASP A 273 7.92 20.51 -18.42
N ASP A 274 6.86 20.92 -19.10
CA ASP A 274 6.21 20.08 -20.11
C ASP A 274 6.69 20.52 -21.49
N LEU A 275 7.31 19.60 -22.22
CA LEU A 275 7.89 19.89 -23.52
C LEU A 275 6.83 19.80 -24.60
N ASP A 276 6.58 20.92 -25.29
CA ASP A 276 5.71 20.94 -26.45
C ASP A 276 6.59 20.59 -27.66
N ALA A 277 6.65 19.30 -27.97
CA ALA A 277 7.62 18.78 -28.93
C ALA A 277 6.97 18.55 -30.29
N GLU A 278 7.78 18.72 -31.32
CA GLU A 278 7.42 18.42 -32.69
C GLU A 278 8.11 17.13 -33.13
N THR A 279 7.65 16.57 -34.25
CA THR A 279 8.24 15.35 -34.75
C THR A 279 9.71 15.55 -35.07
N GLY A 280 10.52 14.53 -34.78
CA GLY A 280 11.95 14.62 -35.01
C GLY A 280 12.75 15.25 -33.88
N ASP A 281 12.10 15.91 -32.92
CA ASP A 281 12.80 16.51 -31.81
C ASP A 281 13.47 15.44 -30.96
N THR A 282 14.48 15.84 -30.20
CA THR A 282 15.35 14.92 -29.49
C THR A 282 15.38 15.24 -28.00
N ILE A 283 15.43 14.20 -27.18
CA ILE A 283 15.66 14.31 -25.75
C ILE A 283 16.89 13.47 -25.43
N GLU A 284 18.00 14.13 -25.15
CA GLU A 284 19.21 13.46 -24.72
C GLU A 284 19.36 13.61 -23.21
N GLY A 285 19.82 12.55 -22.56
CA GLY A 285 19.92 12.63 -21.11
C GLY A 285 20.90 11.62 -20.55
N GLU A 286 21.20 11.82 -19.26
CA GLU A 286 22.04 10.92 -18.49
C GLU A 286 21.33 10.60 -17.18
N LEU A 287 21.12 9.31 -16.92
CA LEU A 287 20.44 8.84 -15.72
C LEU A 287 21.46 8.21 -14.79
N VAL A 288 21.46 8.64 -13.53
CA VAL A 288 22.34 8.10 -12.51
C VAL A 288 21.48 7.41 -11.46
N CYS A 289 21.83 6.17 -11.13
CA CYS A 289 21.07 5.36 -10.18
C CYS A 289 22.01 4.91 -9.08
N SER A 290 21.65 5.21 -7.82
CA SER A 290 22.52 4.93 -6.69
C SER A 290 21.70 4.76 -5.43
N PRO A 291 22.07 3.81 -4.56
CA PRO A 291 21.40 3.61 -3.25
C PRO A 291 21.75 4.71 -2.25
N ASP A 298 16.84 2.00 -0.52
CA ASP A 298 16.23 3.14 -1.20
C ASP A 298 17.07 3.56 -2.42
N LEU A 299 16.43 4.19 -3.39
CA LEU A 299 17.01 4.42 -4.71
C LEU A 299 16.96 5.91 -5.05
N ASN A 300 18.15 6.51 -5.21
CA ASN A 300 18.27 7.85 -5.75
C ASN A 300 18.34 7.79 -7.27
N ILE A 301 17.48 8.56 -7.94
CA ILE A 301 17.44 8.62 -9.39
C ILE A 301 17.56 10.09 -9.79
N ILE A 303 18.35 12.55 -13.09
CA ILE A 303 18.33 12.52 -14.55
C ILE A 303 18.51 13.95 -15.05
N SER A 304 19.56 14.17 -15.84
CA SER A 304 19.78 15.45 -16.49
C SER A 304 19.36 15.35 -17.95
N TYR A 305 18.53 16.29 -18.40
CA TYR A 305 17.96 16.24 -19.73
C TYR A 305 18.53 17.35 -20.62
N LYS A 306 18.35 17.16 -21.92
CA LYS A 306 18.54 18.21 -22.91
C LYS A 306 17.52 17.99 -24.01
N PHE A 307 16.70 19.01 -24.29
CA PHE A 307 15.61 18.91 -25.26
C PHE A 307 15.88 19.87 -26.41
N GLU A 308 16.21 19.31 -27.57
CA GLU A 308 16.57 20.07 -28.74
C GLU A 308 15.42 20.09 -29.73
N SER A 309 15.05 21.28 -30.19
CA SER A 309 13.99 21.43 -31.19
C SER A 309 14.38 22.45 -32.25
N SER A 318 17.57 24.52 -27.45
CA SER A 318 18.08 23.42 -26.66
C SER A 318 17.88 23.65 -25.16
N GLU A 322 16.41 19.23 -15.37
CA GLU A 322 16.86 18.13 -14.55
C GLU A 322 15.71 17.59 -13.70
N GLY A 323 15.92 16.41 -13.12
CA GLY A 323 14.94 15.83 -12.23
C GLY A 323 15.56 14.88 -11.23
N SER A 324 15.22 15.01 -9.95
CA SER A 324 15.70 14.07 -8.96
C SER A 324 14.55 13.32 -8.39
N TYR A 325 14.74 12.03 -8.20
CA TYR A 325 13.70 11.17 -7.70
C TYR A 325 14.25 10.28 -6.60
N LEU A 326 13.47 10.04 -5.56
CA LEU A 326 13.86 9.13 -4.49
C LEU A 326 12.75 8.11 -4.28
N MET A 327 13.12 6.84 -4.26
CA MET A 327 12.17 5.75 -4.04
C MET A 327 12.36 5.23 -2.62
N HIS A 328 11.39 5.50 -1.76
CA HIS A 328 11.49 5.19 -0.34
C HIS A 328 10.26 4.44 0.15
N ASP B 8 7.76 11.81 4.29
CA ASP B 8 7.49 12.61 3.11
C ASP B 8 6.83 11.81 2.00
N HIS B 9 5.80 11.02 2.30
CA HIS B 9 5.05 10.31 1.26
C HIS B 9 3.85 11.18 0.99
N TYR B 10 3.81 11.82 -0.16
CA TYR B 10 2.77 12.80 -0.42
C TYR B 10 1.38 12.27 -0.68
N GLY B 11 1.27 10.99 -0.96
CA GLY B 11 -0.02 10.43 -1.25
C GLY B 11 -0.79 10.33 0.00
N ILE B 12 -0.11 10.12 1.09
CA ILE B 12 -0.88 9.89 2.28
C ILE B 12 -1.40 11.26 2.73
N HIS B 13 -0.65 12.30 2.46
CA HIS B 13 -1.08 13.61 2.86
C HIS B 13 -2.11 14.13 1.91
N GLU B 14 -2.05 13.72 0.67
CA GLU B 14 -3.05 14.12 -0.27
C GLU B 14 -4.35 13.47 0.05
N GLU B 15 -4.34 12.19 0.33
CA GLU B 15 -5.56 11.46 0.59
C GLU B 15 -6.36 12.08 1.68
N MET B 16 -5.70 12.55 2.70
CA MET B 16 -6.39 13.07 3.84
C MET B 16 -6.90 14.46 3.62
N LEU B 17 -6.16 15.24 2.88
CA LEU B 17 -6.55 16.60 2.65
C LEU B 17 -7.70 16.55 1.69
N GLN B 18 -7.69 15.63 0.74
CA GLN B 18 -8.77 15.48 -0.21
C GLN B 18 -10.01 14.82 0.39
N ASP B 19 -9.91 14.28 1.61
CA ASP B 19 -11.06 13.81 2.37
C ASP B 19 -11.75 15.05 2.95
N THR B 20 -12.71 15.59 2.20
CA THR B 20 -13.37 16.82 2.62
C THR B 20 -14.24 16.62 3.85
N VAL B 21 -14.86 15.45 3.99
CA VAL B 21 -15.66 15.16 5.18
C VAL B 21 -14.80 15.24 6.43
N ARG B 22 -13.64 14.58 6.39
CA ARG B 22 -12.72 14.61 7.53
C ARG B 22 -12.23 16.03 7.81
N THR B 23 -11.65 16.68 6.80
CA THR B 23 -10.98 17.97 7.02
C THR B 23 -11.97 19.04 7.45
N LEU B 24 -13.10 19.16 6.75
CA LEU B 24 -14.06 20.19 7.09
C LEU B 24 -14.72 19.94 8.44
N SER B 25 -14.79 18.68 8.87
CA SER B 25 -15.30 18.38 10.21
C SER B 25 -14.41 19.01 11.27
N TYR B 26 -13.09 18.82 11.16
CA TYR B 26 -12.16 19.44 12.09
C TYR B 26 -12.22 20.96 12.01
N ARG B 27 -12.31 21.51 10.79
CA ARG B 27 -12.40 22.95 10.63
C ARG B 27 -13.68 23.50 11.28
N ASN B 28 -14.82 22.94 10.90
CA ASN B 28 -16.10 23.45 11.43
C ASN B 28 -16.20 23.26 12.93
N ALA B 29 -15.53 22.25 13.48
CA ALA B 29 -15.50 22.07 14.93
C ALA B 29 -14.68 23.16 15.60
N ILE B 30 -13.53 23.50 15.02
CA ILE B 30 -12.72 24.60 15.54
C ILE B 30 -13.48 25.92 15.48
N ILE B 31 -14.17 26.16 14.37
CA ILE B 31 -14.90 27.42 14.20
C ILE B 31 -16.07 27.49 15.16
N GLN B 32 -16.76 26.36 15.38
CA GLN B 32 -17.87 26.33 16.31
C GLN B 32 -17.42 26.70 17.72
N ASN B 33 -16.23 26.25 18.12
CA ASN B 33 -15.67 26.55 19.43
C ASN B 33 -14.59 27.62 19.37
N LYS B 34 -14.63 28.50 18.36
CA LYS B 34 -13.55 29.47 18.20
C LYS B 34 -13.49 30.44 19.37
N ASP B 35 -14.61 30.66 20.06
CA ASP B 35 -14.58 31.46 21.29
C ASP B 35 -13.70 30.80 22.34
N LEU B 36 -13.74 29.47 22.41
CA LEU B 36 -12.92 28.73 23.38
C LEU B 36 -11.48 28.56 22.91
N PHE B 37 -11.22 28.73 21.62
CA PHE B 37 -9.85 28.70 21.11
C PHE B 37 -9.11 30.01 21.34
N LYS B 38 -9.84 31.09 21.61
CA LYS B 38 -9.24 32.42 21.66
C LYS B 38 -8.24 32.51 22.81
N ASP B 39 -7.01 32.93 22.49
CA ASP B 39 -5.97 33.20 23.49
C ASP B 39 -5.61 31.94 24.28
N LYS B 40 -5.67 30.77 23.64
CA LYS B 40 -5.41 29.51 24.31
C LYS B 40 -4.27 28.77 23.64
N ILE B 41 -3.82 27.69 24.30
CA ILE B 41 -2.67 26.91 23.87
C ILE B 41 -3.19 25.59 23.33
N VAL B 42 -2.84 25.28 22.08
CA VAL B 42 -3.32 24.07 21.41
C VAL B 42 -2.14 23.16 21.10
N LEU B 43 -2.34 21.87 21.30
CA LEU B 43 -1.35 20.84 20.93
C LEU B 43 -1.93 20.00 19.81
N ASP B 44 -1.23 19.95 18.67
CA ASP B 44 -1.69 19.21 17.50
C ASP B 44 -0.88 17.92 17.39
N VAL B 45 -1.50 16.81 17.79
CA VAL B 45 -0.86 15.50 17.78
C VAL B 45 -1.04 14.88 16.39
N GLY B 46 0.08 14.62 15.71
CA GLY B 46 0.04 14.11 14.35
C GLY B 46 -0.34 15.17 13.36
N CYS B 47 0.36 16.32 13.42
CA CYS B 47 -0.03 17.48 12.64
C CYS B 47 0.14 17.27 11.14
N GLY B 48 0.91 16.28 10.72
CA GLY B 48 1.12 16.05 9.30
C GLY B 48 1.66 17.29 8.62
N THR B 49 0.92 17.79 7.63
CA THR B 49 1.28 19.03 6.96
C THR B 49 0.96 20.26 7.80
N GLY B 50 0.23 20.11 8.91
CA GLY B 50 -0.08 21.24 9.77
C GLY B 50 -1.37 21.95 9.43
N ILE B 51 -2.26 21.33 8.66
CA ILE B 51 -3.48 22.00 8.24
C ILE B 51 -4.37 22.32 9.43
N LEU B 52 -4.46 21.40 10.39
CA LEU B 52 -5.30 21.65 11.57
C LEU B 52 -4.68 22.72 12.46
N SER B 53 -3.35 22.75 12.56
CA SER B 53 -2.69 23.80 13.34
C SER B 53 -2.95 25.18 12.76
N MET B 54 -2.85 25.32 11.43
CA MET B 54 -3.13 26.60 10.79
C MET B 54 -4.58 27.00 10.97
N PHE B 55 -5.50 26.04 10.98
CA PHE B 55 -6.90 26.36 11.22
C PHE B 55 -7.09 26.96 12.61
N ALA B 56 -6.52 26.33 13.63
CA ALA B 56 -6.64 26.84 15.00
C ALA B 56 -6.00 28.20 15.14
N ALA B 57 -4.80 28.38 14.59
CA ALA B 57 -4.09 29.66 14.74
C ALA B 57 -4.84 30.80 14.08
N LYS B 58 -5.37 30.58 12.87
CA LYS B 58 -6.07 31.65 12.16
C LYS B 58 -7.36 32.04 12.86
N HIS B 59 -7.98 31.13 13.60
CA HIS B 59 -9.26 31.39 14.26
C HIS B 59 -9.12 31.66 15.75
N GLY B 60 -8.04 32.31 16.16
CA GLY B 60 -7.95 32.92 17.47
C GLY B 60 -6.99 32.27 18.46
N ALA B 61 -6.36 31.16 18.11
CA ALA B 61 -5.47 30.49 19.05
C ALA B 61 -4.23 31.36 19.32
N HIS B 63 -1.23 30.12 20.56
CA HIS B 63 -0.07 29.39 20.07
C HIS B 63 -0.48 27.93 19.86
N VAL B 64 -0.03 27.35 18.75
CA VAL B 64 -0.31 25.96 18.43
C VAL B 64 1.02 25.22 18.31
N ILE B 65 1.11 24.06 18.94
CA ILE B 65 2.29 23.21 18.88
C ILE B 65 1.91 21.94 18.12
N GLY B 66 2.59 21.69 17.00
CA GLY B 66 2.37 20.50 16.20
C GLY B 66 3.52 19.53 16.39
N VAL B 67 3.15 18.26 16.59
CA VAL B 67 4.12 17.20 16.85
C VAL B 67 3.82 16.05 15.90
N ASP B 68 4.71 15.82 14.94
CA ASP B 68 4.63 14.66 14.05
C ASP B 68 6.03 14.10 13.87
N MET B 69 6.15 12.77 14.00
CA MET B 69 7.46 12.12 13.91
C MET B 69 7.94 11.90 12.48
N SER B 70 7.20 12.39 11.49
CA SER B 70 7.60 12.20 10.10
C SER B 70 8.44 13.38 9.62
N SER B 71 9.15 13.16 8.52
CA SER B 71 9.94 14.22 7.89
C SER B 71 9.09 15.31 7.28
N ILE B 72 7.76 15.11 7.22
CA ILE B 72 6.85 16.11 6.67
C ILE B 72 6.81 17.38 7.51
N ILE B 73 7.39 17.35 8.71
CA ILE B 73 7.49 18.57 9.53
C ILE B 73 8.31 19.64 8.82
N GLU B 74 9.33 19.23 8.07
CA GLU B 74 10.09 20.19 7.27
C GLU B 74 9.17 20.94 6.29
N MET B 75 8.23 20.22 5.68
CA MET B 75 7.26 20.87 4.81
C MET B 75 6.28 21.71 5.61
N ALA B 76 5.84 21.20 6.76
CA ALA B 76 4.93 21.96 7.61
C ALA B 76 5.52 23.31 8.02
N LYS B 77 6.79 23.33 8.43
CA LYS B 77 7.43 24.61 8.75
C LYS B 77 7.40 25.56 7.56
N GLU B 78 7.64 25.03 6.35
CA GLU B 78 7.62 25.89 5.17
C GLU B 78 6.21 26.40 4.87
N LEU B 79 5.20 25.53 5.02
CA LEU B 79 3.83 25.97 4.80
C LEU B 79 3.39 26.97 5.84
N VAL B 80 3.70 26.71 7.12
CA VAL B 80 3.35 27.65 8.18
C VAL B 80 4.03 28.99 7.95
N GLU B 81 5.29 28.97 7.46
CA GLU B 81 5.98 30.20 7.14
C GLU B 81 5.30 30.95 6.00
N LEU B 82 4.86 30.21 4.97
CA LEU B 82 4.34 30.87 3.77
C LEU B 82 2.99 31.51 4.01
N ASN B 83 2.20 30.99 4.95
CA ASN B 83 0.86 31.52 5.21
C ASN B 83 0.83 32.44 6.42
N GLY B 84 1.98 32.90 6.91
CA GLY B 84 2.02 33.92 7.94
C GLY B 84 1.65 33.47 9.32
N PHE B 85 1.97 32.22 9.69
CA PHE B 85 1.65 31.70 11.02
C PHE B 85 2.90 31.30 11.80
N SER B 86 4.07 31.78 11.37
CA SER B 86 5.32 31.37 12.01
C SER B 86 5.41 31.84 13.46
N ASP B 87 4.75 32.93 13.79
CA ASP B 87 4.81 33.45 15.13
C ASP B 87 3.84 32.74 16.07
N LYS B 88 2.89 31.99 15.53
CA LYS B 88 1.88 31.33 16.33
C LYS B 88 1.98 29.81 16.34
N ILE B 89 2.79 29.22 15.46
CA ILE B 89 2.90 27.77 15.34
C ILE B 89 4.35 27.37 15.54
N THR B 90 4.58 26.43 16.46
CA THR B 90 5.88 25.82 16.67
C THR B 90 5.75 24.33 16.39
N LEU B 91 6.54 23.83 15.45
CA LEU B 91 6.46 22.44 15.03
C LEU B 91 7.67 21.65 15.54
N LEU B 92 7.41 20.44 16.03
CA LEU B 92 8.42 19.60 16.63
C LEU B 92 8.34 18.21 16.03
N ARG B 93 9.48 17.70 15.55
CA ARG B 93 9.53 16.35 15.03
C ARG B 93 9.87 15.38 16.16
N GLY B 94 9.18 14.24 16.18
CA GLY B 94 9.46 13.18 17.12
C GLY B 94 8.19 12.66 17.77
N LEU B 96 5.63 12.13 20.66
CA LEU B 96 5.21 13.05 21.71
C LEU B 96 5.80 12.66 23.06
N GLU B 97 6.00 11.36 23.30
CA GLU B 97 6.69 10.92 24.51
C GLU B 97 8.15 11.33 24.54
N ASP B 98 8.70 11.81 23.43
CA ASP B 98 10.11 12.17 23.34
C ASP B 98 10.36 13.66 23.19
N VAL B 99 9.44 14.40 22.57
CA VAL B 99 9.66 15.82 22.34
C VAL B 99 9.47 16.60 23.64
N HIS B 100 9.95 17.83 23.63
CA HIS B 100 9.88 18.72 24.79
C HIS B 100 9.08 19.96 24.39
N LEU B 101 7.86 20.06 24.89
CA LEU B 101 6.98 21.16 24.54
C LEU B 101 7.50 22.49 25.10
N PRO B 102 7.41 23.58 24.33
CA PRO B 102 7.76 24.90 24.88
C PRO B 102 6.82 25.37 25.98
N PHE B 103 5.69 24.69 26.19
CA PHE B 103 4.73 25.05 27.22
C PHE B 103 4.46 23.83 28.10
N PRO B 104 4.36 24.01 29.41
CA PRO B 104 4.16 22.85 30.29
C PRO B 104 2.76 22.26 30.23
N VAL B 106 -1.37 22.51 28.15
CA VAL B 106 -2.09 22.93 26.95
C VAL B 106 -3.58 22.89 27.26
N ASP B 107 -4.32 23.80 26.62
CA ASP B 107 -5.76 23.92 26.82
C ASP B 107 -6.56 23.01 25.90
N ILE B 108 -6.16 22.90 24.63
CA ILE B 108 -6.92 22.17 23.63
C ILE B 108 -6.00 21.17 22.95
N ILE B 109 -6.51 19.96 22.72
CA ILE B 109 -5.81 18.94 21.96
C ILE B 109 -6.59 18.68 20.68
N ILE B 110 -6.02 19.05 19.54
CA ILE B 110 -6.54 18.66 18.24
C ILE B 110 -5.68 17.51 17.73
N SER B 111 -6.33 16.48 17.20
CA SER B 111 -5.60 15.30 16.77
C SER B 111 -6.38 14.56 15.71
N GLU B 112 -5.69 14.08 14.68
CA GLU B 112 -6.28 13.23 13.65
C GLU B 112 -5.59 11.94 13.94
N TRP B 113 -6.28 11.01 14.57
CA TRP B 113 -5.69 9.79 15.09
C TRP B 113 -6.40 8.51 14.65
N MET B 114 -7.53 8.61 13.96
CA MET B 114 -8.34 7.44 13.67
C MET B 114 -7.70 6.54 12.62
N GLY B 115 -7.95 5.24 12.74
CA GLY B 115 -7.48 4.25 11.80
C GLY B 115 -8.63 3.59 11.05
N TYR B 116 -8.28 2.53 10.31
CA TYR B 116 -9.27 1.82 9.50
C TYR B 116 -10.37 1.25 10.38
N PHE B 117 -10.04 0.37 11.31
CA PHE B 117 -11.02 -0.16 12.25
C PHE B 117 -11.13 0.72 13.49
N LEU B 118 -10.87 2.01 13.33
CA LEU B 118 -10.79 2.95 14.43
C LEU B 118 -9.53 2.69 15.21
N LEU B 119 -9.36 1.50 15.73
CA LEU B 119 -8.23 1.18 16.61
C LEU B 119 -7.18 0.28 16.01
N TYR B 120 -6.91 0.41 14.73
CA TYR B 120 -5.97 -0.47 14.05
C TYR B 120 -4.57 0.12 14.04
N GLU B 121 -4.39 1.24 13.36
CA GLU B 121 -3.11 1.92 13.37
C GLU B 121 -3.41 3.27 13.94
N SER B 122 -4.11 3.30 15.06
CA SER B 122 -4.53 4.56 15.59
C SER B 122 -3.52 5.16 16.49
N MET B 123 -3.52 6.47 16.61
CA MET B 123 -2.65 7.14 17.56
C MET B 123 -3.37 7.57 18.83
N MET B 124 -4.49 6.91 19.18
CA MET B 124 -5.22 7.33 20.37
C MET B 124 -4.38 7.17 21.63
N ASP B 125 -3.50 6.16 21.65
CA ASP B 125 -2.57 6.02 22.77
C ASP B 125 -1.77 7.30 22.99
N THR B 126 -1.39 7.98 21.91
CA THR B 126 -0.68 9.24 22.03
C THR B 126 -1.61 10.35 22.52
N VAL B 127 -2.87 10.32 22.09
CA VAL B 127 -3.82 11.34 22.53
C VAL B 127 -4.08 11.23 24.02
N LEU B 128 -4.30 10.00 24.50
CA LEU B 128 -4.46 9.79 25.94
C LEU B 128 -3.21 10.23 26.70
N TYR B 129 -2.03 9.99 26.12
CA TYR B 129 -0.79 10.45 26.73
C TYR B 129 -0.74 11.98 26.80
N ALA B 130 -1.16 12.65 25.72
CA ALA B 130 -1.18 14.10 25.72
C ALA B 130 -2.17 14.64 26.74
N ARG B 131 -3.33 13.98 26.87
CA ARG B 131 -4.32 14.38 27.86
C ARG B 131 -3.77 14.21 29.28
N ASP B 132 -3.12 13.07 29.55
CA ASP B 132 -2.70 12.78 30.91
C ASP B 132 -1.52 13.63 31.35
N HIS B 133 -0.68 14.08 30.41
CA HIS B 133 0.56 14.76 30.76
C HIS B 133 0.56 16.26 30.47
N TYR B 134 -0.23 16.73 29.51
CA TYR B 134 -0.17 18.12 29.09
C TYR B 134 -1.50 18.86 29.17
N LEU B 135 -2.62 18.17 29.32
CA LEU B 135 -3.94 18.82 29.22
C LEU B 135 -4.34 19.40 30.57
N VAL B 136 -4.74 20.69 30.56
CA VAL B 136 -5.32 21.30 31.74
C VAL B 136 -6.67 20.68 32.07
N GLY B 138 -10.48 20.21 32.55
CA GLY B 138 -11.53 20.75 31.72
C GLY B 138 -11.12 21.08 30.31
N GLY B 139 -9.93 20.64 29.88
CA GLY B 139 -9.48 20.95 28.53
C GLY B 139 -10.27 20.21 27.48
N LEU B 140 -10.23 20.73 26.27
CA LEU B 140 -10.96 20.15 25.18
C LEU B 140 -10.16 19.13 24.40
N ILE B 141 -10.84 18.28 23.66
CA ILE B 141 -10.18 17.24 22.90
C ILE B 141 -10.98 17.09 21.62
N PHE B 142 -10.42 17.55 20.51
CA PHE B 142 -11.07 17.41 19.23
C PHE B 142 -10.43 16.30 18.41
N PRO B 143 -11.17 15.21 18.11
CA PRO B 143 -12.49 14.81 18.61
C PRO B 143 -12.48 14.08 19.99
N ASP B 144 -13.56 14.10 20.79
CA ASP B 144 -13.54 13.44 22.09
C ASP B 144 -14.51 12.27 22.20
N CYS B 146 -16.13 8.73 19.99
CA CYS B 146 -16.09 7.82 18.86
C CYS B 146 -16.74 6.51 19.26
N SER B 147 -17.31 5.82 18.27
CA SER B 147 -17.97 4.55 18.49
C SER B 147 -17.81 3.70 17.24
N ILE B 148 -17.84 2.38 17.43
CA ILE B 148 -17.69 1.42 16.34
C ILE B 148 -19.02 0.71 16.14
N HIS B 149 -19.46 0.64 14.88
CA HIS B 149 -20.73 0.03 14.51
C HIS B 149 -20.50 -1.07 13.48
N LEU B 150 -21.54 -1.88 13.25
CA LEU B 150 -21.43 -3.00 12.32
C LEU B 150 -22.82 -3.38 11.85
N ALA B 151 -22.86 -4.12 10.73
CA ALA B 151 -24.09 -4.58 10.13
C ALA B 151 -23.77 -5.72 9.18
N GLY B 152 -24.82 -6.39 8.69
CA GLY B 152 -24.64 -7.48 7.76
C GLY B 152 -24.47 -6.99 6.33
N LEU B 153 -23.91 -7.86 5.49
CA LEU B 153 -23.53 -7.47 4.15
C LEU B 153 -23.77 -8.61 3.16
N GLU B 154 -24.03 -8.24 1.90
CA GLU B 154 -24.16 -9.18 0.80
C GLU B 154 -23.00 -8.94 -0.15
N ASP B 155 -22.10 -9.91 -0.23
CA ASP B 155 -20.95 -9.83 -1.12
C ASP B 155 -20.68 -11.18 -1.77
N SER B 156 -21.75 -11.90 -2.12
CA SER B 156 -21.61 -13.30 -2.52
C SER B 156 -20.89 -13.43 -3.86
N GLN B 157 -21.14 -12.52 -4.80
CA GLN B 157 -20.54 -12.66 -6.13
C GLN B 157 -19.05 -12.37 -6.09
N TYR B 158 -18.65 -11.30 -5.37
CA TYR B 158 -17.23 -10.97 -5.27
C TYR B 158 -16.48 -11.98 -4.41
N LYS B 159 -17.06 -12.40 -3.29
CA LYS B 159 -16.38 -13.32 -2.39
C LYS B 159 -16.16 -14.69 -3.03
N ASP B 160 -17.16 -15.21 -3.74
CA ASP B 160 -17.03 -16.53 -4.35
C ASP B 160 -15.90 -16.58 -5.36
N GLU B 161 -15.73 -15.52 -6.15
CA GLU B 161 -14.64 -15.47 -7.11
C GLU B 161 -13.29 -15.51 -6.41
N LYS B 162 -13.11 -14.69 -5.38
CA LYS B 162 -11.85 -14.67 -4.65
C LYS B 162 -11.52 -16.05 -4.07
N LEU B 163 -12.52 -16.78 -3.64
CA LEU B 163 -12.26 -18.05 -3.03
C LEU B 163 -12.10 -19.15 -4.09
N ASN B 164 -12.83 -19.04 -5.19
CA ASN B 164 -12.75 -20.08 -6.22
C ASN B 164 -11.39 -20.11 -6.91
N TYR B 165 -10.68 -18.97 -6.91
CA TYR B 165 -9.40 -18.89 -7.63
C TYR B 165 -8.41 -19.96 -7.17
N TRP B 166 -8.48 -20.35 -5.90
CA TRP B 166 -7.47 -21.22 -5.31
C TRP B 166 -7.76 -22.69 -5.51
N GLN B 167 -8.87 -23.04 -6.16
CA GLN B 167 -9.15 -24.45 -6.43
C GLN B 167 -8.19 -25.02 -7.46
N ASP B 168 -7.73 -24.19 -8.40
CA ASP B 168 -6.86 -24.66 -9.48
C ASP B 168 -5.96 -23.50 -9.89
N VAL B 169 -4.70 -23.56 -9.47
CA VAL B 169 -3.72 -22.52 -9.77
C VAL B 169 -2.65 -23.17 -10.63
N TYR B 170 -2.77 -23.00 -11.96
CA TYR B 170 -1.85 -23.59 -12.93
C TYR B 170 -1.76 -25.11 -12.78
N GLY B 171 -2.90 -25.73 -12.45
CA GLY B 171 -2.98 -27.15 -12.26
C GLY B 171 -2.88 -27.60 -10.81
N PHE B 172 -2.22 -26.82 -9.97
CA PHE B 172 -1.97 -27.21 -8.59
C PHE B 172 -3.17 -26.89 -7.70
N ASP B 173 -3.44 -27.78 -6.75
CA ASP B 173 -4.47 -27.56 -5.75
C ASP B 173 -3.97 -26.57 -4.71
N TYR B 174 -4.51 -25.35 -4.73
CA TYR B 174 -4.20 -24.33 -3.74
C TYR B 174 -5.32 -24.17 -2.72
N SER B 175 -6.02 -25.26 -2.41
CA SER B 175 -7.15 -25.20 -1.47
C SER B 175 -6.77 -24.67 -0.10
N PRO B 176 -5.65 -25.06 0.53
CA PRO B 176 -5.33 -24.53 1.87
C PRO B 176 -5.16 -23.02 1.91
N PHE B 177 -5.14 -22.31 0.80
CA PHE B 177 -5.05 -20.87 0.85
C PHE B 177 -6.37 -20.24 1.22
N VAL B 178 -7.47 -20.95 1.04
CA VAL B 178 -8.76 -20.35 1.28
C VAL B 178 -8.93 -19.83 2.68
N PRO B 179 -8.51 -20.60 3.69
CA PRO B 179 -8.61 -20.00 5.04
C PRO B 179 -7.93 -18.66 5.18
N LEU B 180 -6.87 -18.40 4.43
CA LEU B 180 -6.23 -17.11 4.51
C LEU B 180 -7.14 -16.01 4.01
N VAL B 181 -7.90 -16.30 2.98
CA VAL B 181 -8.77 -15.27 2.43
C VAL B 181 -9.90 -14.95 3.39
N LEU B 182 -10.46 -15.96 4.03
CA LEU B 182 -11.53 -15.73 5.00
C LEU B 182 -11.05 -14.96 6.22
N HIS B 183 -9.76 -15.06 6.55
CA HIS B 183 -9.23 -14.43 7.76
C HIS B 183 -8.80 -12.99 7.54
N GLU B 184 -8.53 -12.58 6.31
CA GLU B 184 -8.02 -11.22 6.15
C GLU B 184 -9.18 -10.23 6.05
N PRO B 185 -9.20 -9.20 6.89
CA PRO B 185 -10.23 -8.17 6.75
C PRO B 185 -9.99 -7.33 5.51
N ILE B 186 -11.09 -6.79 4.96
CA ILE B 186 -11.06 -6.06 3.71
C ILE B 186 -11.51 -4.63 3.98
N VAL B 187 -10.65 -3.67 3.65
CA VAL B 187 -10.98 -2.25 3.75
C VAL B 187 -11.46 -1.79 2.38
N ASP B 188 -12.77 -1.56 2.26
CA ASP B 188 -13.35 -1.16 0.99
C ASP B 188 -14.65 -0.41 1.26
N THR B 189 -15.14 0.27 0.22
CA THR B 189 -16.38 1.03 0.32
C THR B 189 -17.55 0.16 -0.12
N VAL B 190 -18.50 -0.06 0.79
CA VAL B 190 -19.67 -0.88 0.51
C VAL B 190 -20.79 -0.02 -0.08
N ASN B 193 -27.04 -0.37 0.28
CA ASN B 193 -27.83 -1.12 -0.67
C ASN B 193 -27.49 -2.57 -0.51
N ASN B 194 -26.23 -2.84 -0.29
CA ASN B 194 -25.76 -4.19 -0.02
C ASN B 194 -25.79 -4.53 1.46
N VAL B 195 -25.94 -3.54 2.33
CA VAL B 195 -26.20 -3.78 3.74
C VAL B 195 -27.65 -4.24 3.89
N ASN B 196 -27.85 -5.45 4.40
CA ASN B 196 -29.17 -6.07 4.43
C ASN B 196 -29.66 -6.39 5.83
N THR B 197 -28.96 -5.94 6.87
CA THR B 197 -29.42 -6.09 8.24
C THR B 197 -29.41 -4.72 8.92
N THR B 198 -29.97 -4.68 10.13
CA THR B 198 -29.86 -3.48 10.93
C THR B 198 -28.45 -3.35 11.50
N SER B 199 -28.11 -2.15 11.92
CA SER B 199 -26.79 -1.87 12.48
C SER B 199 -26.86 -1.85 14.01
N ASP B 200 -25.76 -2.24 14.64
CA ASP B 200 -25.64 -2.23 16.08
C ASP B 200 -24.35 -1.52 16.47
N LYS B 201 -24.32 -1.02 17.70
CA LYS B 201 -23.17 -0.28 18.22
C LYS B 201 -22.30 -1.24 19.03
N LEU B 202 -21.03 -1.38 18.64
CA LEU B 202 -20.13 -2.28 19.34
C LEU B 202 -19.66 -1.69 20.66
N ILE B 203 -19.17 -0.45 20.65
CA ILE B 203 -18.56 0.14 21.83
C ILE B 203 -18.52 1.65 21.64
N GLU B 204 -18.53 2.37 22.76
CA GLU B 204 -18.32 3.82 22.79
C GLU B 204 -16.99 4.12 23.48
N PHE B 205 -16.39 5.24 23.09
CA PHE B 205 -15.17 5.72 23.72
C PHE B 205 -15.30 7.21 24.00
N ASP B 206 -15.11 7.60 25.25
CA ASP B 206 -15.02 9.00 25.64
C ASP B 206 -13.55 9.30 25.90
N LEU B 207 -12.92 10.01 24.96
CA LEU B 207 -11.49 10.30 25.08
C LEU B 207 -11.14 11.14 26.30
N ASN B 208 -12.12 11.73 26.98
CA ASN B 208 -11.84 12.49 28.18
C ASN B 208 -11.65 11.61 29.41
N THR B 209 -12.15 10.37 29.39
CA THR B 209 -12.09 9.49 30.54
C THR B 209 -11.53 8.11 30.25
N VAL B 210 -11.33 7.75 28.98
CA VAL B 210 -10.96 6.38 28.64
C VAL B 210 -9.48 6.14 28.90
N ILE B 212 -6.06 3.22 28.02
CA ILE B 212 -5.56 2.29 27.01
C ILE B 212 -6.06 0.88 27.28
N SER B 213 -6.18 0.50 28.56
CA SER B 213 -6.64 -0.84 28.90
C SER B 213 -8.07 -1.09 28.45
N ASP B 214 -8.78 -0.01 28.16
CA ASP B 214 -10.17 -0.12 27.72
C ASP B 214 -10.27 -0.45 26.25
N LEU B 215 -9.15 -0.45 25.55
CA LEU B 215 -9.17 -0.69 24.11
C LEU B 215 -9.28 -2.18 23.79
N ALA B 216 -8.60 -3.03 24.56
CA ALA B 216 -8.83 -4.47 24.49
C ALA B 216 -10.17 -4.76 25.14
N PHE B 217 -11.18 -5.09 24.32
CA PHE B 217 -12.54 -5.16 24.83
C PHE B 217 -13.27 -6.36 24.21
N SER B 219 -17.59 -7.35 23.26
CA SER B 219 -18.90 -6.73 23.13
C SER B 219 -19.85 -7.67 22.41
N ASN B 220 -21.11 -7.62 22.80
CA ASN B 220 -22.18 -8.37 22.15
C ASN B 220 -22.92 -7.47 21.16
N PHE B 221 -23.49 -8.11 20.14
CA PHE B 221 -24.25 -7.39 19.13
C PHE B 221 -25.38 -8.28 18.65
N LYS B 222 -26.36 -7.62 18.03
CA LYS B 222 -27.52 -8.31 17.52
C LYS B 222 -27.93 -7.66 16.23
N LEU B 223 -28.15 -8.45 15.20
CA LEU B 223 -28.50 -7.94 13.88
C LEU B 223 -29.70 -8.71 13.37
N THR B 224 -30.59 -8.01 12.69
CA THR B 224 -31.77 -8.65 12.18
C THR B 224 -31.87 -8.39 10.71
N ALA B 225 -32.17 -9.43 9.97
CA ALA B 225 -32.25 -9.34 8.51
C ALA B 225 -33.42 -8.46 8.09
N LYS B 226 -33.13 -7.46 7.25
CA LYS B 226 -34.14 -6.54 6.76
C LYS B 226 -34.87 -7.05 5.53
N ARG B 227 -34.37 -8.12 4.92
CA ARG B 227 -34.99 -8.71 3.74
C ARG B 227 -34.47 -10.13 3.60
N ASP B 229 -32.07 -12.38 1.68
CA ASP B 229 -30.85 -12.11 0.91
C ASP B 229 -29.77 -13.06 1.41
N MET B 230 -28.60 -12.98 0.78
CA MET B 230 -27.42 -13.70 1.23
C MET B 230 -26.63 -12.80 2.16
N ILE B 231 -26.22 -13.35 3.30
CA ILE B 231 -25.33 -12.65 4.24
C ILE B 231 -24.00 -13.39 4.23
N ASN B 232 -22.96 -12.70 3.77
CA ASN B 232 -21.64 -13.30 3.64
C ASN B 232 -20.62 -12.75 4.63
N GLY B 233 -20.95 -11.66 5.32
CA GLY B 233 -20.03 -11.12 6.31
C GLY B 233 -20.62 -9.90 6.97
N ILE B 234 -19.79 -9.24 7.77
CA ILE B 234 -20.17 -8.01 8.46
C ILE B 234 -19.34 -6.86 7.90
N VAL B 235 -19.99 -5.73 7.65
CA VAL B 235 -19.31 -4.47 7.34
C VAL B 235 -19.28 -3.64 8.62
N THR B 236 -18.12 -3.07 8.93
CA THR B 236 -17.95 -2.29 10.14
C THR B 236 -17.43 -0.90 9.81
N TRP B 237 -17.83 0.08 10.64
CA TRP B 237 -17.41 1.46 10.48
C TRP B 237 -17.34 2.09 11.85
N PHE B 238 -17.00 3.39 11.89
CA PHE B 238 -16.93 4.10 13.15
C PHE B 238 -17.49 5.51 12.97
N ASP B 239 -18.11 6.02 14.04
CA ASP B 239 -18.65 7.36 14.08
C ASP B 239 -17.78 8.25 14.97
N ILE B 240 -17.77 9.54 14.67
CA ILE B 240 -16.91 10.52 15.34
C ILE B 240 -17.77 11.70 15.76
N VAL B 241 -17.57 12.16 17.00
CA VAL B 241 -18.26 13.34 17.52
C VAL B 241 -17.24 14.27 18.14
N PHE B 242 -17.41 15.59 17.92
CA PHE B 242 -16.54 16.64 18.40
C PHE B 242 -17.18 17.36 19.59
N PRO B 243 -16.37 17.95 20.48
CA PRO B 243 -16.96 18.69 21.60
C PRO B 243 -17.58 19.99 21.12
N ALA B 244 -18.63 20.40 21.82
CA ALA B 244 -19.38 21.61 21.48
C ALA B 244 -19.74 22.34 22.77
N PRO B 245 -19.90 23.66 22.70
CA PRO B 245 -20.39 24.41 23.87
C PRO B 245 -21.79 23.96 24.27
N LYS B 246 -22.22 24.46 25.43
CA LYS B 246 -23.49 24.05 26.01
C LYS B 246 -24.66 24.39 25.09
N GLY B 247 -25.55 23.42 24.90
CA GLY B 247 -26.77 23.62 24.14
C GLY B 247 -26.61 23.63 22.63
N PRO B 250 -23.22 19.28 18.45
CA PRO B 250 -21.80 19.01 18.15
C PRO B 250 -21.61 18.56 16.70
N VAL B 251 -20.44 18.92 16.15
CA VAL B 251 -20.09 18.48 14.81
C VAL B 251 -19.75 17.00 14.86
N GLU B 252 -20.32 16.24 13.93
CA GLU B 252 -20.12 14.80 13.88
C GLU B 252 -20.11 14.33 12.43
N PHE B 253 -19.53 13.15 12.21
CA PHE B 253 -19.57 12.50 10.90
C PHE B 253 -19.39 11.01 11.09
N SER B 254 -19.89 10.26 10.12
CA SER B 254 -19.83 8.80 10.11
C SER B 254 -18.97 8.34 8.93
N THR B 255 -18.43 7.12 9.07
CA THR B 255 -17.72 6.46 7.99
C THR B 255 -18.47 5.22 7.49
N GLY B 256 -19.78 5.20 7.65
CA GLY B 256 -20.59 4.05 7.28
C GLY B 256 -20.98 4.05 5.82
N PRO B 257 -21.48 2.90 5.36
CA PRO B 257 -21.89 2.78 3.96
C PRO B 257 -23.09 3.66 3.61
N HIS B 258 -23.77 4.22 4.60
CA HIS B 258 -24.90 5.11 4.42
C HIS B 258 -24.51 6.58 4.43
N ALA B 259 -23.25 6.88 4.72
CA ALA B 259 -22.72 8.23 4.81
C ALA B 259 -21.87 8.55 3.59
N PRO B 260 -21.57 9.82 3.35
CA PRO B 260 -20.67 10.18 2.25
C PRO B 260 -19.31 9.51 2.40
N TYR B 261 -18.58 9.44 1.28
CA TYR B 261 -17.30 8.76 1.25
C TYR B 261 -16.30 9.39 2.20
N THR B 262 -15.48 8.56 2.82
CA THR B 262 -14.31 8.98 3.57
C THR B 262 -13.13 8.10 3.18
N HIS B 263 -11.92 8.60 3.42
CA HIS B 263 -10.74 7.81 3.10
C HIS B 263 -10.59 6.60 4.00
N TRP B 264 -11.43 6.46 5.03
CA TRP B 264 -11.41 5.27 5.86
C TRP B 264 -12.23 4.14 5.27
N LYS B 265 -13.22 4.46 4.43
CA LYS B 265 -14.12 3.47 3.86
C LYS B 265 -14.74 2.64 4.97
N GLN B 266 -14.85 1.32 4.77
CA GLN B 266 -15.34 0.41 5.79
C GLN B 266 -14.41 -0.79 5.86
N THR B 267 -14.63 -1.62 6.88
CA THR B 267 -13.83 -2.82 7.08
C THR B 267 -14.75 -4.03 7.07
N ILE B 268 -14.48 -4.97 6.17
CA ILE B 268 -15.33 -6.13 5.94
C ILE B 268 -14.68 -7.36 6.56
N PHE B 269 -15.47 -8.13 7.30
CA PHE B 269 -15.06 -9.42 7.84
C PHE B 269 -15.97 -10.50 7.26
N TYR B 270 -15.38 -11.48 6.59
CA TYR B 270 -16.16 -12.51 5.92
C TYR B 270 -16.53 -13.63 6.88
N PHE B 271 -17.67 -14.30 6.57
CA PHE B 271 -18.03 -15.50 7.30
C PHE B 271 -17.48 -16.74 6.60
N PRO B 272 -17.20 -17.81 7.35
CA PRO B 272 -16.83 -19.07 6.69
C PRO B 272 -17.98 -19.67 5.89
N ASP B 273 -19.21 -19.54 6.39
CA ASP B 273 -20.40 -20.04 5.71
C ASP B 273 -21.26 -18.87 5.25
N ASP B 274 -22.01 -19.09 4.18
CA ASP B 274 -22.88 -18.07 3.61
C ASP B 274 -24.31 -18.34 4.06
N LEU B 275 -24.89 -17.39 4.80
CA LEU B 275 -26.22 -17.55 5.37
C LEU B 275 -27.28 -17.13 4.36
N ASP B 276 -28.13 -18.07 3.95
CA ASP B 276 -29.28 -17.77 3.11
C ASP B 276 -30.43 -17.40 4.05
N ALA B 277 -30.53 -16.12 4.37
CA ALA B 277 -31.46 -15.65 5.40
C ALA B 277 -32.67 -14.97 4.79
N GLU B 278 -33.80 -15.09 5.49
CA GLU B 278 -35.01 -14.35 5.20
C GLU B 278 -35.21 -13.27 6.25
N THR B 279 -36.13 -12.36 5.98
CA THR B 279 -36.40 -11.25 6.89
C THR B 279 -36.80 -11.77 8.26
N GLY B 280 -36.38 -11.05 9.29
CA GLY B 280 -36.63 -11.43 10.67
C GLY B 280 -35.60 -12.35 11.28
N ASP B 281 -34.74 -12.98 10.46
CA ASP B 281 -33.68 -13.81 11.00
C ASP B 281 -32.69 -12.95 11.78
N THR B 282 -31.95 -13.59 12.69
CA THR B 282 -31.12 -12.88 13.65
C THR B 282 -29.68 -13.36 13.57
N ILE B 283 -28.73 -12.44 13.73
CA ILE B 283 -27.34 -12.82 13.81
C ILE B 283 -26.88 -12.19 15.11
N GLU B 284 -26.59 -13.01 16.10
CA GLU B 284 -26.15 -12.52 17.40
C GLU B 284 -24.74 -12.94 17.60
N GLY B 285 -23.93 -12.16 18.29
CA GLY B 285 -22.53 -12.49 18.38
C GLY B 285 -21.80 -11.74 19.47
N GLU B 286 -20.56 -12.16 19.70
CA GLU B 286 -19.65 -11.51 20.62
C GLU B 286 -18.33 -11.26 19.91
N LEU B 287 -17.90 -10.00 19.87
CA LEU B 287 -16.65 -9.61 19.22
C LEU B 287 -15.61 -9.28 20.26
N VAL B 288 -14.43 -9.89 20.14
CA VAL B 288 -13.29 -9.63 21.02
C VAL B 288 -12.19 -8.99 20.20
N CYS B 289 -11.67 -7.87 20.70
CA CYS B 289 -10.62 -7.11 20.02
C CYS B 289 -9.45 -6.94 20.98
N SER B 290 -8.26 -7.36 20.55
CA SER B 290 -7.11 -7.35 21.43
C SER B 290 -5.81 -7.22 20.64
N PRO B 291 -4.84 -6.45 21.14
CA PRO B 291 -3.51 -6.34 20.52
C PRO B 291 -2.67 -7.61 20.71
N LEU B 299 -3.99 -5.94 15.55
CA LEU B 299 -5.29 -6.20 16.16
C LEU B 299 -5.77 -7.62 15.89
N ASN B 300 -5.89 -8.41 16.95
CA ASN B 300 -6.54 -9.71 16.89
C ASN B 300 -8.03 -9.55 17.12
N ILE B 301 -8.83 -10.08 16.21
CA ILE B 301 -10.29 -9.97 16.29
C ILE B 301 -10.89 -11.37 16.18
N LYS B 302 -11.48 -11.85 17.27
CA LYS B 302 -12.17 -13.13 17.31
C LYS B 302 -13.65 -12.87 17.49
N ILE B 303 -14.48 -13.43 16.63
CA ILE B 303 -15.93 -13.18 16.63
C ILE B 303 -16.67 -14.50 16.63
N SER B 304 -17.49 -14.73 17.66
CA SER B 304 -18.36 -15.89 17.75
C SER B 304 -19.77 -15.48 17.36
N TYR B 305 -20.39 -16.22 16.47
CA TYR B 305 -21.70 -15.88 15.92
C TYR B 305 -22.77 -16.86 16.39
N LYS B 306 -24.03 -16.43 16.25
CA LYS B 306 -25.19 -17.31 16.35
C LYS B 306 -26.23 -16.83 15.35
N PHE B 307 -26.65 -17.74 14.47
CA PHE B 307 -27.58 -17.41 13.39
C PHE B 307 -28.86 -18.19 13.60
N GLU B 308 -29.94 -17.49 13.94
CA GLU B 308 -31.22 -18.10 14.27
C GLU B 308 -32.17 -17.93 13.09
N SER B 309 -32.77 -19.02 12.64
CA SER B 309 -33.74 -18.97 11.55
C SER B 309 -34.95 -19.85 11.85
N ARG B 319 -26.18 -22.44 12.43
CA ARG B 319 -26.67 -21.90 13.69
C ARG B 319 -25.56 -21.21 14.48
N LYS B 320 -24.49 -21.95 14.76
CA LYS B 320 -23.36 -21.43 15.52
C LYS B 320 -22.09 -21.54 14.68
N ASN B 321 -21.31 -20.46 14.64
CA ASN B 321 -20.05 -20.46 13.90
C ASN B 321 -19.17 -19.34 14.46
N GLU B 322 -17.89 -19.39 14.09
CA GLU B 322 -16.89 -18.45 14.56
C GLU B 322 -16.08 -17.93 13.38
N GLY B 323 -15.31 -16.87 13.64
CA GLY B 323 -14.42 -16.29 12.65
C GLY B 323 -13.24 -15.59 13.29
N SER B 324 -12.04 -15.92 12.83
CA SER B 324 -10.80 -15.32 13.33
C SER B 324 -10.17 -14.45 12.25
N TYR B 325 -9.81 -13.23 12.62
CA TYR B 325 -9.24 -12.26 11.68
C TYR B 325 -8.03 -11.59 12.32
N LEU B 326 -7.03 -11.30 11.50
CA LEU B 326 -5.80 -10.67 11.96
C LEU B 326 -5.49 -9.47 11.08
N MET B 327 -5.20 -8.32 11.72
CA MET B 327 -4.83 -7.10 11.02
C MET B 327 -3.33 -6.88 11.22
N HIS B 328 -2.58 -7.01 10.13
CA HIS B 328 -1.12 -6.99 10.18
C HIS B 328 -0.54 -5.97 9.20
#